data_7OJO
#
_entry.id   7OJO
#
_cell.length_a   41.645
_cell.length_b   76.386
_cell.length_c   148.875
_cell.angle_alpha   90.000
_cell.angle_beta   90.000
_cell.angle_gamma   90.000
#
_symmetry.space_group_name_H-M   'P 21 21 21'
#
loop_
_entity.id
_entity.type
_entity.pdbx_description
1 polymer 'Poly [ADP-ribose] polymerase tankyrase-2'
2 polymer 'Poly [ADP-ribose] polymerase tankyrase-2'
3 non-polymer quinazolin-4(3H)-one
4 non-polymer 4-acetamido-~{N}-(2-methoxyphenyl)benzamide
5 non-polymer 'ZINC ION'
6 non-polymer 'SULFATE ION'
7 water water
#
loop_
_entity_poly.entity_id
_entity_poly.type
_entity_poly.pdbx_seq_one_letter_code
_entity_poly.pdbx_strand_id
1 'polypeptide(L)'
;SMLNTSGSGTILIDLSPDDKEFQSVEEEMQSTVREHRDGGHAGGIFNRYNILKIQKVCNKKLWERYTHRRKEVSEENHNH
ANERMLFHGSPFVNAIIHKGFDERHAYIGGMFGAGIYFAENSSKSNQYVYGIGGGTGCPVHKDRSCYICHRQLLFCRVTL
GKSFLQFSAMK
;
AAA,BBB
2 'polypeptide(L)' MAHSPPGHHSVTGRPSVNGLALAEYVIYRGEQAYPEYLITYQIMRPEG A,B
#
loop_
_chem_comp.id
_chem_comp.type
_chem_comp.name
_chem_comp.formula
SO4 non-polymer 'SULFATE ION' 'O4 S -2'
VGZ non-polymer 4-acetamido-~{N}-(2-methoxyphenyl)benzamide 'C16 H16 N2 O3'
WQG non-polymer quinazolin-4(3H)-one 'C8 H6 N2 O'
ZN non-polymer 'ZINC ION' 'Zn 2'
#
# COMPACT_ATOMS: atom_id res chain seq x y z
N GLY A 9 19.66 22.70 -15.57
CA GLY A 9 21.00 22.56 -14.94
C GLY A 9 21.27 21.14 -14.46
N THR A 10 21.12 20.15 -15.34
CA THR A 10 21.37 18.72 -15.02
C THR A 10 22.85 18.40 -15.25
N ILE A 11 23.49 17.80 -14.23
CA ILE A 11 24.85 17.21 -14.30
C ILE A 11 24.70 15.68 -14.29
N LEU A 12 25.38 15.00 -15.23
CA LEU A 12 25.49 13.52 -15.26
C LEU A 12 26.84 13.12 -14.63
N ILE A 13 26.80 12.41 -13.51
CA ILE A 13 28.00 11.84 -12.83
C ILE A 13 28.19 10.41 -13.32
N ASP A 14 29.21 10.17 -14.13
CA ASP A 14 29.58 8.84 -14.67
C ASP A 14 30.07 7.99 -13.49
N LEU A 15 29.43 6.85 -13.23
CA LEU A 15 29.83 5.89 -12.17
C LEU A 15 30.78 4.84 -12.77
N SER A 16 31.85 4.52 -12.05
CA SER A 16 32.84 3.47 -12.42
C SER A 16 32.19 2.09 -12.26
N PRO A 17 32.41 1.14 -13.20
CA PRO A 17 31.89 -0.22 -13.05
C PRO A 17 32.30 -0.93 -11.75
N ASP A 18 33.40 -0.51 -11.11
CA ASP A 18 33.93 -1.09 -9.85
C ASP A 18 33.29 -0.40 -8.63
N ASP A 19 32.52 0.67 -8.85
CA ASP A 19 31.78 1.42 -7.80
C ASP A 19 30.56 0.58 -7.36
N LYS A 20 30.35 0.44 -6.05
CA LYS A 20 29.26 -0.38 -5.45
C LYS A 20 27.89 0.17 -5.88
N GLU A 21 27.79 1.50 -6.08
CA GLU A 21 26.54 2.19 -6.50
C GLU A 21 26.18 1.76 -7.93
N PHE A 22 27.16 1.69 -8.82
CA PHE A 22 27.03 1.16 -10.20
C PHE A 22 26.57 -0.29 -10.14
N GLN A 23 27.27 -1.11 -9.35
CA GLN A 23 27.04 -2.58 -9.22
C GLN A 23 25.63 -2.83 -8.69
N SER A 24 25.16 -1.99 -7.75
CA SER A 24 23.81 -2.09 -7.14
C SER A 24 22.73 -1.91 -8.21
N VAL A 25 22.84 -0.87 -9.05
CA VAL A 25 21.88 -0.53 -10.13
C VAL A 25 22.00 -1.56 -11.25
N GLU A 26 23.24 -1.99 -11.57
CA GLU A 26 23.55 -3.06 -12.54
C GLU A 26 22.80 -4.34 -12.16
N GLU A 27 22.92 -4.76 -10.90
CA GLU A 27 22.33 -6.04 -10.40
C GLU A 27 20.80 -5.93 -10.42
N GLU A 28 20.24 -4.79 -10.04
CA GLU A 28 18.77 -4.55 -10.07
C GLU A 28 18.26 -4.66 -11.51
N MET A 29 19.05 -4.20 -12.48
CA MET A 29 18.72 -4.25 -13.92
C MET A 29 18.71 -5.70 -14.40
N GLN A 30 19.76 -6.47 -14.09
CA GLN A 30 19.96 -7.86 -14.57
C GLN A 30 18.99 -8.81 -13.84
N SER A 31 18.81 -8.65 -12.53
CA SER A 31 18.06 -9.57 -11.65
C SER A 31 16.55 -9.46 -11.91
N THR A 32 16.06 -8.33 -12.43
CA THR A 32 14.61 -8.07 -12.62
C THR A 32 14.20 -8.36 -14.08
N VAL A 33 15.05 -9.04 -14.87
CA VAL A 33 14.67 -9.53 -16.23
C VAL A 33 13.68 -10.68 -16.05
N ARG A 34 12.56 -10.65 -16.77
CA ARG A 34 11.51 -11.69 -16.74
C ARG A 34 11.21 -12.15 -18.17
N GLU A 35 10.63 -13.35 -18.32
CA GLU A 35 9.98 -13.81 -19.58
C GLU A 35 8.71 -12.99 -19.75
N HIS A 36 8.42 -12.55 -20.98
CA HIS A 36 7.23 -11.72 -21.33
C HIS A 36 6.26 -12.53 -22.20
N ARG A 37 4.96 -12.31 -22.01
CA ARG A 37 3.85 -13.06 -22.67
C ARG A 37 3.89 -12.83 -24.18
N ASP A 38 4.38 -11.68 -24.63
CA ASP A 38 4.52 -11.35 -26.08
C ASP A 38 5.71 -12.10 -26.68
N GLY A 39 6.48 -12.84 -25.87
CA GLY A 39 7.63 -13.65 -26.31
C GLY A 39 8.79 -12.82 -26.87
N GLY A 40 8.89 -11.55 -26.47
CA GLY A 40 9.97 -10.62 -26.85
C GLY A 40 9.58 -9.70 -28.00
N HIS A 41 8.30 -9.69 -28.40
CA HIS A 41 7.80 -8.90 -29.56
C HIS A 41 8.12 -7.41 -29.38
N ALA A 42 7.82 -6.87 -28.20
CA ALA A 42 7.93 -5.42 -27.87
C ALA A 42 9.39 -5.04 -27.61
N GLY A 43 10.08 -5.75 -26.72
CA GLY A 43 11.39 -5.34 -26.17
C GLY A 43 12.55 -6.18 -26.68
N GLY A 44 12.28 -7.26 -27.43
CA GLY A 44 13.30 -8.14 -28.00
C GLY A 44 13.53 -9.40 -27.15
N ILE A 45 14.38 -10.30 -27.66
CA ILE A 45 14.70 -11.64 -27.06
C ILE A 45 16.08 -11.54 -26.39
N PHE A 46 16.14 -11.76 -25.09
CA PHE A 46 17.36 -11.62 -24.25
C PHE A 46 17.07 -12.15 -22.83
N ASN A 47 18.11 -12.62 -22.15
CA ASN A 47 18.06 -13.10 -20.74
C ASN A 47 18.82 -12.12 -19.84
N ARG A 48 19.70 -11.30 -20.42
CA ARG A 48 20.60 -10.36 -19.71
C ARG A 48 20.85 -9.13 -20.60
N TYR A 49 21.51 -8.11 -20.05
CA TYR A 49 21.89 -6.85 -20.74
C TYR A 49 23.41 -6.75 -20.82
N ASN A 50 23.89 -5.97 -21.79
CA ASN A 50 25.25 -5.37 -21.81
C ASN A 50 25.15 -3.99 -21.17
N ILE A 51 25.54 -3.87 -19.89
CA ILE A 51 25.48 -2.58 -19.13
C ILE A 51 26.70 -1.76 -19.49
N LEU A 52 26.51 -0.67 -20.25
CA LEU A 52 27.58 0.15 -20.86
C LEU A 52 27.91 1.35 -19.96
N LYS A 53 26.88 2.01 -19.42
CA LYS A 53 27.04 3.30 -18.70
C LYS A 53 25.91 3.44 -17.68
N ILE A 54 26.26 3.79 -16.43
CA ILE A 54 25.31 4.20 -15.37
C ILE A 54 25.77 5.57 -14.85
N GLN A 55 24.91 6.59 -15.00
CA GLN A 55 25.17 7.98 -14.58
C GLN A 55 24.14 8.39 -13.53
N LYS A 56 24.60 8.96 -12.42
CA LYS A 56 23.75 9.64 -11.42
C LYS A 56 23.29 10.97 -12.05
N VAL A 57 21.97 11.22 -12.08
CA VAL A 57 21.37 12.48 -12.59
C VAL A 57 21.32 13.46 -11.42
N CYS A 58 22.09 14.55 -11.49
CA CYS A 58 22.19 15.59 -10.44
C CYS A 58 21.57 16.89 -10.97
N ASN A 59 20.41 17.25 -10.41
CA ASN A 59 19.66 18.50 -10.71
C ASN A 59 18.99 18.96 -9.41
N LYS A 60 19.55 20.00 -8.79
CA LYS A 60 19.13 20.54 -7.47
C LYS A 60 17.65 20.94 -7.55
N LYS A 61 17.29 21.72 -8.58
CA LYS A 61 15.93 22.26 -8.79
C LYS A 61 14.91 21.10 -8.88
N LEU A 62 15.19 20.10 -9.71
CA LEU A 62 14.29 18.93 -9.93
C LEU A 62 14.23 18.06 -8.66
N TRP A 63 15.30 18.01 -7.87
CA TRP A 63 15.36 17.21 -6.61
C TRP A 63 14.51 17.87 -5.52
N GLU A 64 14.61 19.20 -5.37
CA GLU A 64 13.85 19.99 -4.36
C GLU A 64 12.35 19.91 -4.70
N ARG A 65 12.02 20.04 -5.99
CA ARG A 65 10.67 19.84 -6.56
C ARG A 65 10.14 18.46 -6.12
N TYR A 66 10.96 17.42 -6.21
CA TYR A 66 10.60 16.03 -5.84
C TYR A 66 10.38 15.92 -4.33
N THR A 67 11.37 16.34 -3.53
CA THR A 67 11.36 16.17 -2.05
C THR A 67 10.22 16.99 -1.44
N HIS A 68 9.92 18.16 -2.00
CA HIS A 68 8.81 19.05 -1.57
C HIS A 68 7.48 18.29 -1.72
N ARG A 69 7.25 17.69 -2.90
CA ARG A 69 6.04 16.89 -3.19
C ARG A 69 5.98 15.69 -2.23
N ARG A 70 7.12 15.01 -2.04
CA ARG A 70 7.25 13.79 -1.20
C ARG A 70 6.74 14.09 0.22
N LYS A 71 7.10 15.25 0.76
CA LYS A 71 6.67 15.70 2.11
C LYS A 71 5.14 15.83 2.15
N GLU A 72 4.55 16.55 1.19
CA GLU A 72 3.08 16.71 1.06
C GLU A 72 2.39 15.34 1.04
N VAL A 73 2.96 14.38 0.28
CA VAL A 73 2.37 13.02 0.13
C VAL A 73 2.47 12.28 1.47
N SER A 74 3.61 12.37 2.15
CA SER A 74 3.86 11.78 3.50
C SER A 74 2.75 12.17 4.47
N GLU A 75 2.45 13.47 4.56
N GLU A 75 2.45 13.47 4.56
CA GLU A 75 1.48 14.06 5.53
CA GLU A 75 1.48 14.05 5.54
C GLU A 75 0.06 13.58 5.21
C GLU A 75 0.06 13.58 5.21
N GLU A 76 -0.22 13.22 3.96
CA GLU A 76 -1.54 12.71 3.50
C GLU A 76 -1.60 11.18 3.56
N ASN A 77 -0.50 10.53 3.98
CA ASN A 77 -0.36 9.04 3.94
C ASN A 77 0.33 8.55 5.21
N HIS A 78 -0.10 9.06 6.37
CA HIS A 78 0.32 8.59 7.72
C HIS A 78 1.85 8.72 7.86
N ASN A 79 2.38 9.88 7.48
CA ASN A 79 3.83 10.24 7.60
CA ASN A 79 3.82 10.24 7.61
C ASN A 79 4.69 9.18 6.93
N HIS A 80 4.26 8.67 5.77
CA HIS A 80 5.12 7.78 4.92
C HIS A 80 4.89 8.04 3.43
N ALA A 81 5.98 8.32 2.72
CA ALA A 81 6.01 8.69 1.29
C ALA A 81 5.64 7.48 0.43
N ASN A 82 5.86 6.25 0.92
CA ASN A 82 5.73 4.99 0.14
C ASN A 82 6.62 5.14 -1.11
N GLU A 83 7.88 5.52 -0.89
CA GLU A 83 8.90 5.74 -1.94
C GLU A 83 9.41 4.39 -2.44
N ARG A 84 9.53 4.24 -3.76
CA ARG A 84 10.01 3.02 -4.45
C ARG A 84 11.05 3.41 -5.51
N MET A 85 12.10 2.60 -5.67
CA MET A 85 13.01 2.66 -6.84
C MET A 85 12.39 1.81 -7.96
N LEU A 86 12.01 2.45 -9.07
CA LEU A 86 11.33 1.80 -10.22
C LEU A 86 11.95 2.28 -11.54
N PHE A 87 11.91 1.41 -12.56
CA PHE A 87 12.43 1.68 -13.92
C PHE A 87 11.37 2.44 -14.72
N HIS A 88 11.84 3.38 -15.57
CA HIS A 88 11.03 4.04 -16.62
C HIS A 88 11.76 3.91 -17.97
N GLY A 89 11.06 3.40 -18.98
CA GLY A 89 11.49 3.40 -20.39
C GLY A 89 10.63 4.32 -21.21
N SER A 90 11.23 5.12 -22.10
CA SER A 90 10.54 6.17 -22.90
C SER A 90 11.47 6.70 -23.99
N PRO A 91 10.93 7.07 -25.17
CA PRO A 91 11.72 7.79 -26.17
C PRO A 91 12.18 9.18 -25.71
N PHE A 92 11.65 9.68 -24.59
CA PHE A 92 11.79 11.09 -24.12
C PHE A 92 12.69 11.16 -22.88
N VAL A 93 13.53 10.14 -22.67
CA VAL A 93 14.48 10.04 -21.52
C VAL A 93 15.38 11.28 -21.48
N ASN A 94 15.89 11.73 -22.63
CA ASN A 94 16.80 12.90 -22.73
C ASN A 94 16.08 14.13 -22.15
N ALA A 95 14.82 14.35 -22.52
CA ALA A 95 13.99 15.49 -22.04
C ALA A 95 13.72 15.35 -20.54
N ILE A 96 13.45 14.13 -20.05
CA ILE A 96 13.10 13.84 -18.63
C ILE A 96 14.28 14.19 -17.72
N ILE A 97 15.51 13.87 -18.10
CA ILE A 97 16.70 14.09 -17.22
C ILE A 97 17.03 15.59 -17.16
N HIS A 98 16.55 16.39 -18.11
CA HIS A 98 16.86 17.84 -18.20
C HIS A 98 15.71 18.67 -17.60
N LYS A 99 14.46 18.37 -17.97
CA LYS A 99 13.26 19.17 -17.60
C LYS A 99 12.41 18.46 -16.55
N GLY A 100 12.72 17.19 -16.23
CA GLY A 100 11.98 16.38 -15.25
C GLY A 100 10.79 15.67 -15.89
N PHE A 101 10.18 14.74 -15.15
CA PHE A 101 8.92 14.07 -15.55
C PHE A 101 7.82 15.14 -15.67
N ASP A 102 6.96 15.01 -16.68
CA ASP A 102 5.92 16.01 -17.03
C ASP A 102 4.65 15.25 -17.43
N GLU A 103 3.62 15.31 -16.59
CA GLU A 103 2.31 14.62 -16.79
C GLU A 103 1.60 15.19 -18.04
N ARG A 104 1.94 16.42 -18.45
CA ARG A 104 1.31 17.13 -19.60
C ARG A 104 1.62 16.42 -20.93
N HIS A 105 2.67 15.59 -20.97
CA HIS A 105 3.13 14.83 -22.17
C HIS A 105 2.65 13.37 -22.13
N ALA A 106 1.66 13.05 -21.29
CA ALA A 106 1.11 11.68 -21.10
C ALA A 106 0.00 11.43 -22.14
N TYR A 107 -0.01 10.24 -22.74
CA TYR A 107 -1.06 9.75 -23.68
C TYR A 107 -2.33 9.44 -22.87
N ILE A 108 -3.46 10.03 -23.26
CA ILE A 108 -4.77 9.96 -22.55
C ILE A 108 -5.31 8.51 -22.51
N GLY A 109 -5.04 7.72 -23.56
CA GLY A 109 -5.64 6.39 -23.77
C GLY A 109 -4.79 5.24 -23.21
N GLY A 110 -4.08 5.47 -22.10
CA GLY A 110 -3.33 4.41 -21.37
C GLY A 110 -4.27 3.52 -20.58
N MET A 111 -3.80 2.33 -20.18
CA MET A 111 -4.60 1.30 -19.46
C MET A 111 -5.13 1.87 -18.13
N PHE A 112 -4.41 2.78 -17.50
CA PHE A 112 -4.78 3.44 -16.22
C PHE A 112 -4.74 4.97 -16.39
N GLY A 113 -5.11 5.45 -17.59
CA GLY A 113 -5.32 6.88 -17.88
C GLY A 113 -4.05 7.62 -18.27
N ALA A 114 -4.14 8.95 -18.36
CA ALA A 114 -3.04 9.87 -18.71
C ALA A 114 -2.07 9.98 -17.53
N GLY A 115 -1.16 9.01 -17.40
CA GLY A 115 -0.17 8.96 -16.31
C GLY A 115 1.22 8.62 -16.81
N ILE A 116 2.20 8.72 -15.92
CA ILE A 116 3.61 8.29 -16.13
C ILE A 116 3.76 6.91 -15.49
N TYR A 117 4.14 5.91 -16.29
CA TYR A 117 4.12 4.46 -15.93
C TYR A 117 5.54 4.01 -15.55
N PHE A 118 5.64 3.21 -14.49
CA PHE A 118 6.91 2.64 -13.96
C PHE A 118 6.75 1.13 -13.75
N ALA A 119 7.86 0.41 -13.78
CA ALA A 119 7.93 -1.06 -13.57
C ALA A 119 9.03 -1.37 -12.57
N GLU A 120 8.87 -2.46 -11.80
CA GLU A 120 9.92 -3.00 -10.91
C GLU A 120 10.76 -4.02 -11.69
N ASN A 121 10.33 -4.36 -12.92
CA ASN A 121 11.07 -5.24 -13.86
C ASN A 121 11.66 -4.37 -14.98
N SER A 122 12.99 -4.29 -15.07
CA SER A 122 13.75 -3.59 -16.14
C SER A 122 13.25 -4.04 -17.53
N SER A 123 13.04 -5.35 -17.72
CA SER A 123 12.62 -5.95 -19.01
C SER A 123 11.21 -5.46 -19.41
N LYS A 124 10.40 -5.02 -18.43
CA LYS A 124 9.06 -4.43 -18.68
C LYS A 124 9.25 -3.02 -19.25
N SER A 125 10.02 -2.17 -18.57
CA SER A 125 10.34 -0.77 -19.01
C SER A 125 11.05 -0.80 -20.37
N ASN A 126 11.88 -1.82 -20.61
CA ASN A 126 12.59 -2.04 -21.90
C ASN A 126 11.59 -2.08 -23.06
N GLN A 127 10.38 -2.60 -22.84
CA GLN A 127 9.34 -2.76 -23.89
C GLN A 127 8.84 -1.39 -24.40
N TYR A 128 9.09 -0.31 -23.66
CA TYR A 128 8.54 1.05 -23.97
C TYR A 128 9.64 2.02 -24.39
N VAL A 129 10.90 1.57 -24.45
CA VAL A 129 12.09 2.41 -24.78
C VAL A 129 11.89 3.08 -26.14
N TYR A 130 11.40 2.34 -27.14
CA TYR A 130 11.20 2.84 -28.54
C TYR A 130 9.73 3.19 -28.81
N GLY A 131 8.90 3.25 -27.77
CA GLY A 131 7.47 3.64 -27.86
C GLY A 131 6.55 2.54 -27.34
N ILE A 132 5.23 2.76 -27.44
CA ILE A 132 4.17 1.81 -26.96
C ILE A 132 4.32 0.50 -27.73
N GLY A 133 4.47 -0.62 -27.03
CA GLY A 133 4.69 -1.96 -27.60
C GLY A 133 5.98 -2.03 -28.39
N GLY A 134 6.98 -1.24 -28.02
CA GLY A 134 8.31 -1.18 -28.66
C GLY A 134 8.30 -0.36 -29.94
N GLY A 135 7.17 0.28 -30.28
CA GLY A 135 6.98 1.07 -31.50
C GLY A 135 7.44 0.31 -32.75
N THR A 136 8.22 0.98 -33.60
CA THR A 136 8.77 0.45 -34.87
C THR A 136 10.21 -0.04 -34.64
N GLY A 137 10.61 -0.24 -33.38
CA GLY A 137 11.96 -0.69 -33.00
C GLY A 137 12.97 0.45 -33.02
N CYS A 138 14.26 0.12 -33.05
CA CYS A 138 15.39 1.10 -33.04
C CYS A 138 15.31 1.97 -34.30
N PRO A 139 15.69 3.26 -34.22
CA PRO A 139 15.58 4.16 -35.37
C PRO A 139 16.33 3.65 -36.62
N VAL A 140 17.54 3.11 -36.44
CA VAL A 140 18.48 2.76 -37.55
C VAL A 140 17.99 1.49 -38.27
N HIS A 141 17.67 0.41 -37.54
CA HIS A 141 17.41 -0.94 -38.11
C HIS A 141 15.91 -1.31 -38.09
N LYS A 142 15.04 -0.45 -37.53
CA LYS A 142 13.59 -0.72 -37.37
C LYS A 142 13.39 -2.10 -36.72
N ASP A 143 14.21 -2.42 -35.69
CA ASP A 143 14.27 -3.76 -35.04
C ASP A 143 14.02 -3.58 -33.53
N ARG A 144 12.92 -4.14 -33.02
CA ARG A 144 12.53 -4.08 -31.59
C ARG A 144 13.49 -4.96 -30.76
N SER A 145 14.13 -5.95 -31.39
CA SER A 145 15.09 -6.90 -30.76
C SER A 145 16.52 -6.58 -31.18
N CYS A 146 16.82 -5.32 -31.51
CA CYS A 146 18.17 -4.86 -31.93
C CYS A 146 19.16 -5.07 -30.79
N TYR A 147 20.28 -5.73 -31.10
CA TYR A 147 21.39 -6.03 -30.16
C TYR A 147 22.51 -4.99 -30.34
N ILE A 148 22.43 -4.21 -31.41
CA ILE A 148 23.48 -3.24 -31.85
C ILE A 148 23.19 -1.89 -31.17
N CYS A 149 22.01 -1.32 -31.42
CA CYS A 149 21.66 0.05 -30.98
C CYS A 149 21.63 0.11 -29.45
N HIS A 150 22.10 1.22 -28.88
CA HIS A 150 22.22 1.47 -27.43
C HIS A 150 20.91 2.07 -26.91
N ARG A 151 20.34 1.44 -25.87
CA ARG A 151 19.06 1.83 -25.25
C ARG A 151 19.36 2.59 -23.95
N GLN A 152 18.35 3.30 -23.43
CA GLN A 152 18.46 4.04 -22.14
C GLN A 152 17.19 3.80 -21.31
N LEU A 153 17.38 3.32 -20.08
CA LEU A 153 16.34 3.23 -19.04
C LEU A 153 16.68 4.21 -17.91
N LEU A 154 15.66 4.73 -17.25
CA LEU A 154 15.80 5.53 -16.01
C LEU A 154 15.45 4.61 -14.82
N PHE A 155 16.28 4.64 -13.78
CA PHE A 155 15.99 4.04 -12.46
C PHE A 155 15.67 5.19 -11.51
N CYS A 156 14.39 5.32 -11.13
CA CYS A 156 13.80 6.57 -10.57
C CYS A 156 13.32 6.37 -9.13
N ARG A 157 13.45 7.40 -8.30
CA ARG A 157 12.69 7.54 -7.03
C ARG A 157 11.25 7.90 -7.37
N VAL A 158 10.30 7.07 -6.94
CA VAL A 158 8.84 7.30 -7.19
C VAL A 158 8.12 7.29 -5.84
N THR A 159 7.52 8.44 -5.48
CA THR A 159 6.57 8.59 -4.36
C THR A 159 5.20 8.06 -4.81
N LEU A 160 4.77 6.91 -4.28
CA LEU A 160 3.46 6.28 -4.60
C LEU A 160 2.38 6.72 -3.61
N GLY A 161 2.79 7.15 -2.41
CA GLY A 161 1.86 7.50 -1.31
C GLY A 161 0.82 6.41 -1.12
N LYS A 162 -0.45 6.80 -0.94
CA LYS A 162 -1.59 5.86 -0.90
C LYS A 162 -1.92 5.47 -2.35
N SER A 163 -1.60 4.23 -2.72
CA SER A 163 -1.69 3.72 -4.11
C SER A 163 -3.02 2.97 -4.29
N PHE A 164 -3.82 3.39 -5.27
CA PHE A 164 -5.13 2.79 -5.64
C PHE A 164 -4.88 1.53 -6.49
N LEU A 165 -5.29 0.37 -5.99
CA LEU A 165 -5.17 -0.91 -6.73
C LEU A 165 -6.24 -0.95 -7.83
N GLN A 166 -5.84 -1.32 -9.05
CA GLN A 166 -6.75 -1.45 -10.22
C GLN A 166 -6.30 -2.62 -11.10
N PHE A 167 -7.26 -3.32 -11.71
CA PHE A 167 -7.05 -4.52 -12.57
C PHE A 167 -7.20 -4.13 -14.04
N MET B 1 -9.08 7.94 -16.78
CA MET B 1 -8.58 8.47 -15.47
C MET B 1 -7.52 9.55 -15.75
N ALA B 2 -7.74 10.75 -15.21
CA ALA B 2 -6.92 11.97 -15.48
C ALA B 2 -5.93 12.19 -14.34
N HIS B 3 -6.37 11.96 -13.10
CA HIS B 3 -5.56 12.13 -11.86
C HIS B 3 -5.71 10.86 -11.01
N SER B 4 -5.02 10.83 -9.86
CA SER B 4 -5.19 9.79 -8.81
C SER B 4 -6.64 9.85 -8.32
N PRO B 5 -7.27 8.69 -7.99
CA PRO B 5 -8.57 8.70 -7.33
C PRO B 5 -8.52 9.50 -6.03
N PRO B 6 -9.65 10.05 -5.55
CA PRO B 6 -9.68 10.81 -4.30
C PRO B 6 -8.94 10.11 -3.15
N GLY B 7 -8.16 10.88 -2.39
CA GLY B 7 -7.40 10.39 -1.21
C GLY B 7 -6.17 9.57 -1.58
N HIS B 8 -5.88 9.39 -2.88
CA HIS B 8 -4.76 8.54 -3.38
C HIS B 8 -3.73 9.39 -4.12
N HIS B 9 -2.51 8.85 -4.29
CA HIS B 9 -1.34 9.56 -4.87
C HIS B 9 -0.75 8.80 -6.08
N SER B 10 -1.28 7.62 -6.40
CA SER B 10 -0.76 6.75 -7.49
C SER B 10 -1.76 5.63 -7.76
N VAL B 11 -1.56 4.89 -8.85
CA VAL B 11 -2.29 3.64 -9.18
C VAL B 11 -1.26 2.50 -9.29
N THR B 12 -1.55 1.37 -8.64
CA THR B 12 -0.84 0.08 -8.81
C THR B 12 -1.68 -0.80 -9.73
N GLY B 13 -1.22 -1.00 -10.97
CA GLY B 13 -1.88 -1.88 -11.95
C GLY B 13 -1.44 -3.31 -11.74
N ARG B 14 -2.39 -4.24 -11.58
CA ARG B 14 -2.13 -5.71 -11.57
C ARG B 14 -3.34 -6.42 -12.20
N ALA B 23 3.53 -6.20 -12.10
CA ALA B 23 2.81 -5.07 -11.47
C ALA B 23 3.47 -3.75 -11.88
N GLU B 24 2.68 -2.86 -12.52
CA GLU B 24 3.12 -1.50 -12.95
C GLU B 24 2.56 -0.46 -11.98
N TYR B 25 3.19 0.72 -11.95
CA TYR B 25 2.86 1.86 -11.06
C TYR B 25 2.67 3.11 -11.91
N VAL B 26 1.65 3.91 -11.60
CA VAL B 26 1.26 5.11 -12.38
C VAL B 26 1.13 6.30 -11.43
N ILE B 27 1.78 7.41 -11.77
CA ILE B 27 1.63 8.73 -11.08
C ILE B 27 1.04 9.71 -12.10
N TYR B 28 0.39 10.77 -11.62
CA TYR B 28 -0.37 11.74 -12.44
C TYR B 28 0.20 13.14 -12.23
N ARG B 29 1.33 13.23 -11.52
CA ARG B 29 2.07 14.48 -11.24
C ARG B 29 3.56 14.18 -11.41
N GLY B 30 4.20 14.84 -12.38
CA GLY B 30 5.62 14.64 -12.74
C GLY B 30 6.54 14.76 -11.55
N GLU B 31 6.21 15.61 -10.57
CA GLU B 31 7.09 15.93 -9.41
C GLU B 31 7.09 14.78 -8.38
N GLN B 32 6.35 13.70 -8.62
CA GLN B 32 6.32 12.50 -7.72
C GLN B 32 7.34 11.44 -8.18
N ALA B 33 8.17 11.74 -9.17
CA ALA B 33 9.30 10.88 -9.59
C ALA B 33 10.54 11.75 -9.82
N TYR B 34 11.71 11.23 -9.46
CA TYR B 34 13.04 11.81 -9.79
C TYR B 34 13.84 10.79 -10.60
N PRO B 35 14.34 11.16 -11.80
CA PRO B 35 15.12 10.23 -12.63
C PRO B 35 16.56 10.17 -12.11
N GLU B 36 16.80 9.33 -11.10
CA GLU B 36 18.04 9.34 -10.27
C GLU B 36 19.23 8.79 -11.07
N TYR B 37 19.02 7.70 -11.82
CA TYR B 37 20.07 7.00 -12.60
C TYR B 37 19.65 6.88 -14.06
N LEU B 38 20.55 7.26 -14.97
CA LEU B 38 20.42 7.03 -16.44
C LEU B 38 21.32 5.85 -16.82
N ILE B 39 20.71 4.75 -17.27
CA ILE B 39 21.40 3.47 -17.61
C ILE B 39 21.45 3.35 -19.13
N THR B 40 22.67 3.36 -19.70
CA THR B 40 22.92 3.08 -21.13
C THR B 40 23.29 1.60 -21.25
N TYR B 41 22.65 0.87 -22.16
CA TYR B 41 22.75 -0.61 -22.25
C TYR B 41 22.35 -1.10 -23.65
N GLN B 42 22.72 -2.34 -23.94
CA GLN B 42 22.12 -3.15 -25.04
C GLN B 42 21.46 -4.37 -24.40
N ILE B 43 20.41 -4.88 -25.03
CA ILE B 43 19.93 -6.28 -24.77
C ILE B 43 21.00 -7.20 -25.35
N MET B 44 21.39 -8.26 -24.62
CA MET B 44 22.38 -9.27 -25.07
C MET B 44 21.69 -10.30 -25.97
N ARG B 45 22.32 -10.62 -27.10
CA ARG B 45 21.96 -11.81 -27.92
C ARG B 45 22.23 -13.06 -27.11
N PRO B 46 21.22 -13.94 -26.88
CA PRO B 46 21.46 -15.25 -26.27
C PRO B 46 22.41 -16.10 -27.12
N GLU B 47 23.36 -16.79 -26.47
CA GLU B 47 24.38 -17.67 -27.14
C GLU B 47 23.72 -18.97 -27.61
N GLY C 9 -2.27 -10.51 33.03
CA GLY C 9 -2.08 -9.30 33.90
C GLY C 9 -2.53 -8.03 33.21
N THR C 10 -3.76 -8.02 32.67
CA THR C 10 -4.36 -6.85 31.99
C THR C 10 -5.04 -5.95 33.02
N ILE C 11 -4.72 -4.65 32.98
CA ILE C 11 -5.40 -3.56 33.73
C ILE C 11 -6.22 -2.75 32.72
N LEU C 12 -7.50 -2.51 33.03
CA LEU C 12 -8.38 -1.58 32.26
C LEU C 12 -8.42 -0.23 33.00
N ILE C 13 -7.90 0.83 32.37
CA ILE C 13 -7.96 2.22 32.90
C ILE C 13 -9.19 2.90 32.29
N ASP C 14 -10.21 3.15 33.10
CA ASP C 14 -11.45 3.87 32.72
C ASP C 14 -11.06 5.32 32.42
N LEU C 15 -11.31 5.79 31.20
CA LEU C 15 -11.04 7.18 30.77
C LEU C 15 -12.28 8.04 31.02
N SER C 16 -12.09 9.26 31.54
CA SER C 16 -13.15 10.26 31.76
C SER C 16 -13.63 10.79 30.42
N PRO C 17 -14.95 10.98 30.22
CA PRO C 17 -15.46 11.61 28.98
C PRO C 17 -14.87 12.98 28.65
N ASP C 18 -14.34 13.70 29.65
CA ASP C 18 -13.72 15.05 29.51
C ASP C 18 -12.22 14.92 29.17
N ASP C 19 -11.68 13.71 29.20
CA ASP C 19 -10.27 13.39 28.85
C ASP C 19 -10.11 13.46 27.31
N LYS C 20 -9.07 14.14 26.83
CA LYS C 20 -8.79 14.35 25.37
C LYS C 20 -8.58 12.98 24.69
N GLU C 21 -8.02 12.01 25.40
CA GLU C 21 -7.73 10.64 24.90
C GLU C 21 -9.05 9.91 24.63
N PHE C 22 -10.02 10.03 25.54
CA PHE C 22 -11.41 9.52 25.39
C PHE C 22 -12.04 10.17 24.17
N GLN C 23 -11.99 11.50 24.11
CA GLN C 23 -12.64 12.32 23.05
C GLN C 23 -12.05 11.96 21.67
N SER C 24 -10.73 11.70 21.62
CA SER C 24 -10.01 11.32 20.38
C SER C 24 -10.57 10.00 19.83
N VAL C 25 -10.70 8.98 20.68
CA VAL C 25 -11.20 7.62 20.33
C VAL C 25 -12.70 7.71 20.01
N GLU C 26 -13.43 8.49 20.81
CA GLU C 26 -14.89 8.78 20.62
C GLU C 26 -15.12 9.35 19.22
N GLU C 27 -14.36 10.37 18.83
CA GLU C 27 -14.53 11.09 17.54
C GLU C 27 -14.19 10.14 16.38
N GLU C 28 -13.13 9.34 16.53
CA GLU C 28 -12.72 8.35 15.49
C GLU C 28 -13.83 7.31 15.30
N MET C 29 -14.52 6.95 16.38
CA MET C 29 -15.62 5.96 16.36
C MET C 29 -16.83 6.55 15.60
N GLN C 30 -17.22 7.79 15.94
CA GLN C 30 -18.42 8.47 15.37
C GLN C 30 -18.15 8.88 13.92
N SER C 31 -16.96 9.45 13.63
CA SER C 31 -16.61 10.07 12.33
C SER C 31 -16.43 9.01 11.23
N THR C 32 -16.12 7.76 11.58
CA THR C 32 -15.81 6.68 10.61
C THR C 32 -17.04 5.80 10.39
N VAL C 33 -18.23 6.24 10.83
CA VAL C 33 -19.51 5.54 10.51
C VAL C 33 -19.81 5.78 9.03
N ARG C 34 -20.13 4.71 8.30
CA ARG C 34 -20.47 4.76 6.85
C ARG C 34 -21.82 4.07 6.63
N GLU C 35 -22.49 4.39 5.51
CA GLU C 35 -23.62 3.62 4.96
C GLU C 35 -23.07 2.26 4.48
N HIS C 36 -23.78 1.17 4.76
CA HIS C 36 -23.38 -0.21 4.35
C HIS C 36 -24.39 -0.72 3.30
N ARG C 37 -23.87 -1.43 2.30
CA ARG C 37 -24.63 -1.94 1.12
C ARG C 37 -25.70 -2.93 1.58
N ASP C 38 -25.45 -3.66 2.67
CA ASP C 38 -26.40 -4.64 3.26
C ASP C 38 -27.58 -3.92 3.93
N GLY C 39 -27.53 -2.58 4.01
CA GLY C 39 -28.62 -1.74 4.54
C GLY C 39 -28.81 -1.93 6.03
N GLY C 40 -27.79 -2.40 6.74
CA GLY C 40 -27.78 -2.59 8.20
C GLY C 40 -28.05 -4.02 8.62
N HIS C 41 -28.06 -4.97 7.67
CA HIS C 41 -28.40 -6.39 7.91
C HIS C 41 -27.45 -6.98 8.98
N ALA C 42 -26.15 -6.77 8.82
CA ALA C 42 -25.09 -7.39 9.67
C ALA C 42 -24.98 -6.65 11.01
N GLY C 43 -24.83 -5.32 10.97
CA GLY C 43 -24.43 -4.50 12.15
C GLY C 43 -25.56 -3.66 12.70
N GLY C 44 -26.71 -3.60 12.02
CA GLY C 44 -27.87 -2.80 12.43
C GLY C 44 -27.96 -1.45 11.72
N ILE C 45 -29.04 -0.72 11.98
CA ILE C 45 -29.38 0.59 11.34
C ILE C 45 -29.10 1.70 12.35
N PHE C 46 -28.18 2.61 12.02
CA PHE C 46 -27.69 3.70 12.91
C PHE C 46 -26.78 4.65 12.11
N ASN C 47 -26.72 5.90 12.53
CA ASN C 47 -25.82 6.94 11.97
C ASN C 47 -24.74 7.31 13.00
N ARG C 48 -24.97 7.00 14.28
CA ARG C 48 -24.08 7.36 15.41
C ARG C 48 -24.15 6.25 16.48
N TYR C 49 -23.28 6.34 17.48
CA TYR C 49 -23.22 5.42 18.64
C TYR C 49 -23.57 6.19 19.92
N ASN C 50 -24.04 5.46 20.93
CA ASN C 50 -24.06 5.87 22.36
C ASN C 50 -22.76 5.36 22.98
N ILE C 51 -21.76 6.22 23.14
CA ILE C 51 -20.43 5.87 23.69
C ILE C 51 -20.55 5.87 25.21
N LEU C 52 -20.49 4.68 25.81
CA LEU C 52 -20.77 4.44 27.25
C LEU C 52 -19.46 4.44 28.04
N LYS C 53 -18.43 3.80 27.50
CA LYS C 53 -17.16 3.53 28.23
C LYS C 53 -16.01 3.37 27.24
N ILE C 54 -14.89 4.05 27.49
CA ILE C 54 -13.61 3.84 26.77
C ILE C 54 -12.53 3.58 27.83
N GLN C 55 -11.90 2.41 27.76
CA GLN C 55 -10.85 1.94 28.71
C GLN C 55 -9.55 1.70 27.95
N LYS C 56 -8.44 2.26 28.44
CA LYS C 56 -7.07 1.94 27.98
C LYS C 56 -6.74 0.53 28.49
N VAL C 57 -6.33 -0.37 27.60
CA VAL C 57 -5.89 -1.75 27.94
C VAL C 57 -4.39 -1.69 28.24
N CYS C 58 -4.01 -1.94 29.50
CA CYS C 58 -2.60 -1.93 29.97
C CYS C 58 -2.17 -3.36 30.32
N ASN C 59 -1.27 -3.91 29.51
CA ASN C 59 -0.64 -5.25 29.70
C ASN C 59 0.81 -5.17 29.21
N LYS C 60 1.76 -5.13 30.14
CA LYS C 60 3.22 -4.96 29.88
C LYS C 60 3.70 -6.09 28.94
N LYS C 61 3.37 -7.34 29.28
CA LYS C 61 3.80 -8.56 28.53
C LYS C 61 3.31 -8.47 27.08
N LEU C 62 2.04 -8.16 26.87
CA LEU C 62 1.41 -8.11 25.53
C LEU C 62 1.95 -6.90 24.74
N TRP C 63 2.32 -5.82 25.43
CA TRP C 63 2.87 -4.59 24.79
C TRP C 63 4.30 -4.84 24.30
N GLU C 64 5.14 -5.49 25.11
CA GLU C 64 6.56 -5.83 24.78
C GLU C 64 6.57 -6.81 23.59
N ARG C 65 5.67 -7.80 23.63
CA ARG C 65 5.40 -8.77 22.54
C ARG C 65 5.11 -7.99 21.24
N TYR C 66 4.27 -6.95 21.32
CA TYR C 66 3.88 -6.11 20.16
C TYR C 66 5.08 -5.30 19.66
N THR C 67 5.74 -4.55 20.54
CA THR C 67 6.83 -3.60 20.17
C THR C 67 8.03 -4.38 19.64
N HIS C 68 8.29 -5.58 20.16
CA HIS C 68 9.37 -6.49 19.69
C HIS C 68 9.11 -6.84 18.23
N ARG C 69 7.90 -7.28 17.90
CA ARG C 69 7.49 -7.63 16.52
C ARG C 69 7.60 -6.38 15.63
N ARG C 70 7.13 -5.24 16.13
CA ARG C 70 7.09 -3.95 15.39
C ARG C 70 8.50 -3.59 14.90
N LYS C 71 9.51 -3.78 15.76
CA LYS C 71 10.94 -3.51 15.45
C LYS C 71 11.37 -4.39 14.28
N GLU C 72 11.15 -5.71 14.38
CA GLU C 72 11.46 -6.69 13.31
C GLU C 72 10.83 -6.24 11.98
N VAL C 73 9.56 -5.80 12.03
CA VAL C 73 8.80 -5.39 10.80
C VAL C 73 9.44 -4.12 10.22
N SER C 74 9.76 -3.14 11.07
CA SER C 74 10.44 -1.87 10.68
C SER C 74 11.70 -2.16 9.87
N GLU C 75 12.57 -3.04 10.37
CA GLU C 75 13.90 -3.38 9.76
C GLU C 75 13.70 -4.07 8.41
N GLU C 76 12.56 -4.73 8.20
CA GLU C 76 12.24 -5.44 6.93
C GLU C 76 11.45 -4.53 6.00
N ASN C 77 11.17 -3.28 6.41
CA ASN C 77 10.29 -2.35 5.65
C ASN C 77 10.89 -0.93 5.69
N HIS C 78 12.22 -0.80 5.53
CA HIS C 78 12.94 0.49 5.39
C HIS C 78 12.69 1.37 6.61
N ASN C 79 12.85 0.80 7.81
CA ASN C 79 12.68 1.48 9.13
C ASN C 79 11.31 2.15 9.19
N HIS C 80 10.27 1.47 8.72
CA HIS C 80 8.86 1.96 8.79
C HIS C 80 7.97 0.81 9.25
N ALA C 81 7.38 0.94 10.44
CA ALA C 81 6.45 -0.05 11.03
C ALA C 81 5.14 -0.09 10.23
N ASN C 82 4.79 1.02 9.58
CA ASN C 82 3.49 1.26 8.91
C ASN C 82 2.39 0.95 9.94
N GLU C 83 2.52 1.57 11.11
CA GLU C 83 1.59 1.40 12.26
C GLU C 83 0.32 2.21 12.00
N ARG C 84 -0.83 1.59 12.25
CA ARG C 84 -2.17 2.19 12.03
C ARG C 84 -3.03 1.91 13.26
N MET C 85 -3.87 2.89 13.63
CA MET C 85 -4.97 2.70 14.61
C MET C 85 -6.18 2.21 13.83
N LEU C 86 -6.62 0.97 14.11
CA LEU C 86 -7.74 0.31 13.38
C LEU C 86 -8.67 -0.39 14.37
N PHE C 87 -9.95 -0.48 14.01
CA PHE C 87 -11.02 -1.12 14.82
C PHE C 87 -10.99 -2.63 14.58
N HIS C 88 -11.24 -3.40 15.64
CA HIS C 88 -11.54 -4.85 15.57
C HIS C 88 -12.84 -5.14 16.32
N GLY C 89 -13.78 -5.80 15.65
CA GLY C 89 -15.02 -6.37 16.25
C GLY C 89 -14.94 -7.88 16.27
N SER C 90 -15.31 -8.50 17.40
CA SER C 90 -15.23 -9.97 17.60
C SER C 90 -16.02 -10.37 18.85
N PRO C 91 -16.65 -11.55 18.86
CA PRO C 91 -17.23 -12.11 20.08
C PRO C 91 -16.20 -12.42 21.18
N PHE C 92 -14.90 -12.40 20.84
CA PHE C 92 -13.78 -12.87 21.69
C PHE C 92 -12.94 -11.69 22.18
N VAL C 93 -13.52 -10.50 22.25
CA VAL C 93 -12.86 -9.25 22.74
C VAL C 93 -12.32 -9.48 24.17
N ASN C 94 -13.10 -10.13 25.03
CA ASN C 94 -12.70 -10.41 26.44
C ASN C 94 -11.39 -11.20 26.44
N ALA C 95 -11.30 -12.25 25.62
CA ALA C 95 -10.11 -13.11 25.51
C ALA C 95 -8.91 -12.32 24.95
N ILE C 96 -9.16 -11.46 23.96
CA ILE C 96 -8.10 -10.67 23.23
C ILE C 96 -7.43 -9.69 24.20
N ILE C 97 -8.19 -9.03 25.08
CA ILE C 97 -7.63 -8.00 26.00
C ILE C 97 -6.81 -8.67 27.10
N HIS C 98 -7.02 -9.96 27.36
CA HIS C 98 -6.33 -10.71 28.44
C HIS C 98 -5.15 -11.51 27.89
N LYS C 99 -5.33 -12.24 26.79
CA LYS C 99 -4.32 -13.19 26.23
C LYS C 99 -3.71 -12.65 24.93
N GLY C 100 -4.23 -11.54 24.39
CA GLY C 100 -3.73 -10.92 23.15
C GLY C 100 -4.38 -11.51 21.92
N PHE C 101 -4.16 -10.89 20.75
CA PHE C 101 -4.59 -11.43 19.43
C PHE C 101 -3.85 -12.75 19.20
N ASP C 102 -4.54 -13.71 18.58
CA ASP C 102 -4.03 -15.09 18.34
C ASP C 102 -4.49 -15.56 16.95
N GLU C 103 -3.56 -15.69 16.01
CA GLU C 103 -3.81 -16.13 14.62
C GLU C 103 -4.36 -17.57 14.59
N ARG C 104 -4.10 -18.36 15.63
CA ARG C 104 -4.49 -19.80 15.73
C ARG C 104 -6.02 -19.94 15.82
N HIS C 105 -6.73 -18.86 16.19
CA HIS C 105 -8.21 -18.82 16.35
C HIS C 105 -8.89 -18.21 15.10
N ALA C 106 -8.18 -18.12 13.96
CA ALA C 106 -8.66 -17.51 12.71
C ALA C 106 -9.44 -18.53 11.87
N TYR C 107 -10.58 -18.11 11.30
CA TYR C 107 -11.41 -18.89 10.35
C TYR C 107 -10.69 -18.97 9.00
N ILE C 108 -10.47 -20.19 8.49
CA ILE C 108 -9.64 -20.48 7.29
C ILE C 108 -10.27 -19.87 6.02
N GLY C 109 -11.60 -19.80 5.96
CA GLY C 109 -12.36 -19.44 4.74
C GLY C 109 -12.70 -17.96 4.66
N GLY C 110 -11.83 -17.08 5.16
CA GLY C 110 -11.97 -15.61 5.06
C GLY C 110 -11.65 -15.11 3.66
N MET C 111 -12.06 -13.88 3.32
CA MET C 111 -11.88 -13.24 1.98
C MET C 111 -10.38 -13.18 1.62
N PHE C 112 -9.50 -13.02 2.62
CA PHE C 112 -8.03 -12.93 2.44
C PHE C 112 -7.35 -13.96 3.36
N GLY C 113 -7.98 -15.12 3.54
CA GLY C 113 -7.41 -16.30 4.22
C GLY C 113 -7.56 -16.26 5.73
N ALA C 114 -6.88 -17.18 6.44
CA ALA C 114 -6.89 -17.33 7.91
C ALA C 114 -6.07 -16.20 8.53
N GLY C 115 -6.69 -15.03 8.72
CA GLY C 115 -6.04 -13.85 9.31
C GLY C 115 -6.93 -13.17 10.33
N ILE C 116 -6.37 -12.18 11.02
CA ILE C 116 -7.09 -11.26 11.96
C ILE C 116 -7.39 -9.98 11.18
N TYR C 117 -8.66 -9.62 11.07
CA TYR C 117 -9.18 -8.55 10.18
C TYR C 117 -9.45 -7.28 11.00
N PHE C 118 -9.07 -6.14 10.43
CA PHE C 118 -9.26 -4.79 11.01
C PHE C 118 -9.91 -3.88 9.97
N ALA C 119 -10.58 -2.83 10.43
CA ALA C 119 -11.25 -1.81 9.61
C ALA C 119 -10.85 -0.43 10.11
N GLU C 120 -10.80 0.55 9.20
CA GLU C 120 -10.61 1.99 9.53
C GLU C 120 -12.00 2.61 9.75
N ASN C 121 -13.07 1.89 9.42
CA ASN C 121 -14.48 2.28 9.67
C ASN C 121 -15.02 1.46 10.84
N SER C 122 -15.34 2.12 11.96
CA SER C 122 -15.97 1.52 13.17
C SER C 122 -17.22 0.72 12.79
N SER C 123 -18.06 1.26 11.90
CA SER C 123 -19.34 0.66 11.47
C SER C 123 -19.09 -0.66 10.72
N LYS C 124 -17.90 -0.82 10.12
CA LYS C 124 -17.47 -2.07 9.44
C LYS C 124 -17.17 -3.13 10.51
N SER C 125 -16.31 -2.81 11.49
CA SER C 125 -15.96 -3.72 12.62
C SER C 125 -17.22 -4.07 13.44
N ASN C 126 -18.16 -3.13 13.56
CA ASN C 126 -19.47 -3.33 14.25
C ASN C 126 -20.21 -4.54 13.64
N GLN C 127 -20.05 -4.78 12.34
CA GLN C 127 -20.74 -5.89 11.61
C GLN C 127 -20.25 -7.26 12.10
N TYR C 128 -19.11 -7.34 12.80
CA TYR C 128 -18.48 -8.62 13.21
C TYR C 128 -18.53 -8.82 14.73
N VAL C 129 -19.11 -7.88 15.47
CA VAL C 129 -19.17 -7.89 16.96
C VAL C 129 -19.84 -9.19 17.45
N TYR C 130 -20.94 -9.62 16.81
CA TYR C 130 -21.72 -10.82 17.20
C TYR C 130 -21.41 -12.01 16.29
N GLY C 131 -20.36 -11.91 15.47
CA GLY C 131 -19.89 -13.00 14.57
C GLY C 131 -19.87 -12.57 13.13
N ILE C 132 -19.51 -13.48 12.21
CA ILE C 132 -19.41 -13.21 10.74
C ILE C 132 -20.79 -12.82 10.23
N GLY C 133 -20.89 -11.67 9.56
CA GLY C 133 -22.16 -11.10 9.05
C GLY C 133 -23.13 -10.79 10.19
N GLY C 134 -22.62 -10.48 11.37
CA GLY C 134 -23.40 -10.15 12.58
C GLY C 134 -23.95 -11.38 13.29
N GLY C 135 -23.61 -12.58 12.81
CA GLY C 135 -24.09 -13.86 13.36
C GLY C 135 -25.61 -13.88 13.50
N THR C 136 -26.11 -14.32 14.66
CA THR C 136 -27.56 -14.40 15.00
C THR C 136 -27.97 -13.18 15.82
N GLY C 137 -27.14 -12.12 15.81
CA GLY C 137 -27.40 -10.86 16.57
C GLY C 137 -27.02 -11.00 18.03
N CYS C 138 -27.52 -10.08 18.87
CA CYS C 138 -27.24 -10.02 20.33
C CYS C 138 -27.72 -11.30 21.00
N PRO C 139 -27.04 -11.80 22.04
CA PRO C 139 -27.43 -13.06 22.69
C PRO C 139 -28.88 -13.04 23.20
N VAL C 140 -29.32 -11.93 23.81
CA VAL C 140 -30.60 -11.81 24.54
C VAL C 140 -31.78 -11.76 23.56
N HIS C 141 -31.73 -10.89 22.54
CA HIS C 141 -32.87 -10.56 21.65
C HIS C 141 -32.72 -11.17 20.25
N LYS C 142 -31.60 -11.85 19.96
CA LYS C 142 -31.29 -12.43 18.61
C LYS C 142 -31.48 -11.35 17.54
N ASP C 143 -31.02 -10.12 17.82
CA ASP C 143 -31.26 -8.91 16.98
C ASP C 143 -29.91 -8.29 16.61
N ARG C 144 -29.56 -8.31 15.33
CA ARG C 144 -28.31 -7.73 14.78
C ARG C 144 -28.36 -6.20 14.89
N SER C 145 -29.56 -5.61 14.93
CA SER C 145 -29.79 -4.14 15.03
C SER C 145 -30.27 -3.76 16.43
N CYS C 146 -29.89 -4.52 17.46
CA CYS C 146 -30.28 -4.27 18.87
C CYS C 146 -29.71 -2.93 19.34
N TYR C 147 -30.58 -2.06 19.88
CA TYR C 147 -30.22 -0.72 20.43
C TYR C 147 -30.06 -0.81 21.95
N ILE C 148 -30.47 -1.94 22.53
CA ILE C 148 -30.54 -2.16 24.00
C ILE C 148 -29.20 -2.73 24.47
N CYS C 149 -28.81 -3.89 23.92
CA CYS C 149 -27.61 -4.64 24.35
C CYS C 149 -26.36 -3.80 24.08
N HIS C 150 -25.39 -3.87 25.00
CA HIS C 150 -24.11 -3.12 24.96
C HIS C 150 -23.08 -3.92 24.18
N ARG C 151 -22.47 -3.29 23.17
CA ARG C 151 -21.46 -3.89 22.27
C ARG C 151 -20.07 -3.44 22.71
N GLN C 152 -19.04 -4.14 22.22
CA GLN C 152 -17.62 -3.79 22.50
C GLN C 152 -16.80 -3.89 21.21
N LEU C 153 -16.12 -2.80 20.85
CA LEU C 153 -15.10 -2.74 19.77
C LEU C 153 -13.74 -2.49 20.42
N LEU C 154 -12.69 -3.02 19.79
CA LEU C 154 -11.29 -2.70 20.12
C LEU C 154 -10.80 -1.67 19.10
N PHE C 155 -10.12 -0.62 19.58
CA PHE C 155 -9.33 0.33 18.76
C PHE C 155 -7.86 -0.01 19.00
N CYS C 156 -7.21 -0.60 17.99
CA CYS C 156 -5.93 -1.36 18.15
C CYS C 156 -4.78 -0.68 17.40
N ARG C 157 -3.57 -0.77 17.96
CA ARG C 157 -2.30 -0.54 17.24
C ARG C 157 -2.06 -1.74 16.33
N VAL C 158 -1.97 -1.52 15.01
CA VAL C 158 -1.71 -2.61 14.03
C VAL C 158 -0.47 -2.23 13.22
N THR C 159 0.58 -3.04 13.33
CA THR C 159 1.78 -3.03 12.44
C THR C 159 1.42 -3.74 11.13
N LEU C 160 1.30 -2.97 10.04
CA LEU C 160 0.99 -3.51 8.68
C LEU C 160 2.29 -3.78 7.90
N GLY C 161 3.40 -3.11 8.26
CA GLY C 161 4.68 -3.19 7.53
C GLY C 161 4.47 -2.99 6.03
N LYS C 162 5.11 -3.81 5.19
CA LYS C 162 4.87 -3.84 3.73
C LYS C 162 3.56 -4.60 3.49
N SER C 163 2.50 -3.88 3.12
CA SER C 163 1.12 -4.42 3.01
C SER C 163 0.84 -4.77 1.55
N PHE C 164 0.47 -6.03 1.28
CA PHE C 164 0.13 -6.53 -0.07
C PHE C 164 -1.31 -6.10 -0.40
N LEU C 165 -1.47 -5.28 -1.45
CA LEU C 165 -2.79 -4.81 -1.94
C LEU C 165 -3.45 -5.96 -2.70
N GLN C 166 -4.73 -6.25 -2.40
CA GLN C 166 -5.49 -7.40 -2.95
C GLN C 166 -6.97 -7.04 -3.07
N PHE C 167 -7.67 -7.65 -4.02
CA PHE C 167 -9.15 -7.67 -4.14
C PHE C 167 -9.69 -9.00 -3.61
N SER C 168 -10.95 -9.01 -3.15
CA SER C 168 -11.70 -10.22 -2.71
C SER C 168 -12.40 -10.86 -3.93
N MET D 1 -2.53 -16.56 1.72
CA MET D 1 -3.86 -16.83 2.32
C MET D 1 -3.74 -17.67 3.61
N ALA D 2 -2.59 -18.30 3.88
CA ALA D 2 -2.24 -18.84 5.22
C ALA D 2 -1.42 -17.79 6.00
N HIS D 3 -0.46 -17.15 5.32
CA HIS D 3 0.43 -16.10 5.87
C HIS D 3 0.43 -14.91 4.91
N SER D 4 1.18 -13.85 5.24
CA SER D 4 1.49 -12.71 4.34
C SER D 4 2.19 -13.24 3.10
N PRO D 5 1.95 -12.65 1.91
CA PRO D 5 2.76 -12.97 0.73
C PRO D 5 4.24 -12.73 1.02
N PRO D 6 5.17 -13.41 0.31
CA PRO D 6 6.61 -13.20 0.49
C PRO D 6 6.99 -11.72 0.51
N GLY D 7 7.87 -11.34 1.44
CA GLY D 7 8.39 -9.97 1.60
C GLY D 7 7.39 -8.99 2.20
N HIS D 8 6.18 -9.45 2.56
CA HIS D 8 5.08 -8.61 3.08
C HIS D 8 4.74 -8.98 4.53
N HIS D 9 4.03 -8.10 5.24
CA HIS D 9 3.71 -8.23 6.70
C HIS D 9 2.20 -8.16 6.95
N SER D 10 1.40 -7.91 5.92
CA SER D 10 -0.07 -7.73 6.02
C SER D 10 -0.70 -7.75 4.63
N VAL D 11 -2.02 -7.82 4.58
CA VAL D 11 -2.83 -7.64 3.33
C VAL D 11 -3.76 -6.45 3.55
N THR D 12 -3.82 -5.52 2.60
CA THR D 12 -4.85 -4.46 2.51
C THR D 12 -5.86 -4.87 1.45
N GLY D 13 -7.07 -5.24 1.87
CA GLY D 13 -8.24 -5.49 0.99
C GLY D 13 -8.84 -4.19 0.51
N ARG D 14 -8.97 -4.01 -0.80
CA ARG D 14 -9.32 -2.72 -1.45
C ARG D 14 -10.72 -2.81 -2.03
N PRO D 15 -11.48 -1.69 -2.12
CA PRO D 15 -12.81 -1.69 -2.73
C PRO D 15 -12.77 -1.97 -4.24
N SER D 16 -13.53 -2.96 -4.71
CA SER D 16 -13.69 -3.33 -6.14
C SER D 16 -15.16 -3.11 -6.57
N VAL D 17 -15.50 -3.52 -7.81
CA VAL D 17 -16.86 -3.34 -8.40
C VAL D 17 -17.87 -4.17 -7.59
N ASN D 18 -17.74 -5.50 -7.62
CA ASN D 18 -18.63 -6.45 -6.88
C ASN D 18 -17.78 -7.28 -5.91
N GLY D 19 -16.90 -6.62 -5.15
CA GLY D 19 -16.14 -7.20 -4.03
C GLY D 19 -16.35 -6.38 -2.76
N LEU D 20 -15.32 -5.65 -2.31
CA LEU D 20 -15.37 -4.76 -1.12
C LEU D 20 -15.85 -3.38 -1.53
N ALA D 21 -16.43 -2.62 -0.57
CA ALA D 21 -16.78 -1.19 -0.69
C ALA D 21 -15.89 -0.34 0.24
N LEU D 22 -15.36 -0.95 1.31
CA LEU D 22 -14.48 -0.28 2.32
C LEU D 22 -13.22 -1.13 2.53
N ALA D 23 -12.16 -0.50 3.06
CA ALA D 23 -10.81 -1.08 3.21
C ALA D 23 -10.74 -2.00 4.44
N GLU D 24 -10.35 -3.26 4.23
CA GLU D 24 -9.98 -4.21 5.31
C GLU D 24 -8.45 -4.28 5.39
N TYR D 25 -7.92 -4.57 6.58
CA TYR D 25 -6.48 -4.88 6.81
C TYR D 25 -6.39 -6.23 7.54
N VAL D 26 -5.47 -7.08 7.10
CA VAL D 26 -5.34 -8.48 7.60
C VAL D 26 -3.88 -8.73 8.00
N ILE D 27 -3.68 -9.24 9.21
CA ILE D 27 -2.37 -9.72 9.72
C ILE D 27 -2.50 -11.23 9.97
N TYR D 28 -1.38 -11.94 9.96
CA TYR D 28 -1.32 -13.42 10.05
C TYR D 28 -0.49 -13.84 11.26
N ARG D 29 -0.14 -12.86 12.10
CA ARG D 29 0.60 -13.05 13.38
C ARG D 29 -0.04 -12.14 14.43
N GLY D 30 -0.58 -12.73 15.50
CA GLY D 30 -1.28 -12.04 16.59
C GLY D 30 -0.48 -10.89 17.17
N GLU D 31 0.85 -11.02 17.21
CA GLU D 31 1.75 -10.05 17.89
C GLU D 31 1.93 -8.77 17.06
N GLN D 32 1.29 -8.67 15.89
CA GLN D 32 1.33 -7.45 15.02
C GLN D 32 0.16 -6.51 15.33
N ALA D 33 -0.64 -6.80 16.36
CA ALA D 33 -1.71 -5.90 16.86
C ALA D 33 -1.69 -5.88 18.38
N TYR D 34 -1.96 -4.71 18.96
CA TYR D 34 -2.19 -4.51 20.41
C TYR D 34 -3.58 -3.91 20.62
N PRO D 35 -4.45 -4.52 21.46
CA PRO D 35 -5.79 -4.01 21.68
C PRO D 35 -5.74 -2.86 22.68
N GLU D 36 -5.45 -1.65 22.20
CA GLU D 36 -5.06 -0.48 23.04
C GLU D 36 -6.25 0.07 23.82
N TYR D 37 -7.42 0.18 23.17
CA TYR D 37 -8.67 0.75 23.74
C TYR D 37 -9.82 -0.23 23.61
N LEU D 38 -10.55 -0.47 24.70
CA LEU D 38 -11.82 -1.21 24.74
C LEU D 38 -12.97 -0.20 24.82
N ILE D 39 -13.82 -0.16 23.79
CA ILE D 39 -14.96 0.80 23.66
C ILE D 39 -16.25 0.02 23.94
N THR D 40 -16.97 0.40 25.01
CA THR D 40 -18.34 -0.09 25.31
C THR D 40 -19.33 0.93 24.76
N TYR D 41 -20.31 0.48 23.99
CA TYR D 41 -21.22 1.36 23.22
C TYR D 41 -22.52 0.63 22.88
N GLN D 42 -23.53 1.40 22.50
CA GLN D 42 -24.73 0.93 21.76
C GLN D 42 -24.74 1.64 20.41
N ILE D 43 -25.27 0.99 19.39
CA ILE D 43 -25.75 1.68 18.16
C ILE D 43 -26.96 2.51 18.56
N MET D 44 -27.04 3.77 18.12
CA MET D 44 -28.18 4.70 18.38
C MET D 44 -29.31 4.41 17.39
N ARG D 45 -30.54 4.31 17.89
CA ARG D 45 -31.76 4.33 17.04
C ARG D 45 -31.86 5.71 16.38
N PRO D 46 -31.91 5.77 15.03
CA PRO D 46 -32.18 7.03 14.34
C PRO D 46 -33.55 7.61 14.72
N GLU D 47 -33.62 8.93 14.93
CA GLU D 47 -34.86 9.66 15.30
C GLU D 47 -35.71 9.84 14.04
N1 WQG E . 7.01 3.25 -19.83
C4 WQG E . 6.12 1.47 -18.49
C5 WQG E . 6.18 0.53 -17.43
C6 WQG E . 5.12 -0.30 -17.23
C7 WQG E . 3.97 -0.22 -18.05
C8 WQG E . 3.91 0.68 -19.07
O1 WQG E . 8.28 2.43 -18.14
C1 WQG E . 7.22 2.39 -18.78
C2 WQG E . 5.88 3.26 -20.57
N2 WQG E . 4.88 2.47 -20.37
C3 WQG E . 4.97 1.55 -19.32
C5 VGZ F . 9.68 16.57 -20.16
C4 VGZ F . 9.90 17.02 -21.44
C3 VGZ F . 9.41 16.30 -22.53
C2 VGZ F . 8.69 15.14 -22.31
C1 VGZ F . 7.97 14.90 -24.59
C6 VGZ F . 8.96 15.40 -19.93
C8 VGZ F . 7.49 12.71 -19.80
C10 VGZ F . 7.02 10.28 -19.45
C11 VGZ F . 6.28 9.13 -19.67
C12 VGZ F . 5.17 9.16 -20.50
C13 VGZ F . 4.32 6.83 -20.10
C14 VGZ F . 3.61 5.73 -20.82
O1 VGZ F . 8.17 14.34 -23.30
C7 VGZ F . 8.47 14.68 -21.00
N1 VGZ F . 7.74 13.47 -20.89
O2 VGZ F . 7.88 12.97 -18.67
C9 VGZ F . 6.66 11.48 -20.05
N2 VGZ F . 4.38 8.01 -20.77
O3 VGZ F . 4.79 6.67 -18.98
C15 VGZ F . 4.81 10.36 -21.11
C16 VGZ F . 5.56 11.50 -20.88
ZN ZN G . 19.37 -1.00 -34.28
S SO4 H . 27.06 -12.35 -28.40
O1 SO4 H . 28.40 -12.07 -28.87
O2 SO4 H . 26.76 -13.74 -28.58
O3 SO4 H . 26.12 -11.56 -29.15
O4 SO4 H . 26.97 -12.01 -27.00
S SO4 I . 22.56 -15.85 -22.51
O1 SO4 I . 23.60 -16.66 -23.09
O2 SO4 I . 22.75 -14.47 -22.93
O3 SO4 I . 21.29 -16.31 -22.96
O4 SO4 I . 22.64 -15.91 -21.08
N1 WQG J . -13.51 -8.19 12.72
C4 WQG J . -13.33 -7.04 10.61
C5 WQG J . -13.11 -5.90 9.80
C6 WQG J . -13.18 -6.03 8.44
C7 WQG J . -13.46 -7.27 7.86
C8 WQG J . -13.68 -8.38 8.62
O1 WQG J . -13.05 -5.97 12.73
C1 WQG J . -13.28 -6.99 12.07
C2 WQG J . -13.78 -9.34 12.06
N2 WQG J . -13.83 -9.44 10.78
C3 WQG J . -13.62 -8.30 10.01
C5 VGZ K . -7.27 -15.05 22.31
C4 VGZ K . -8.02 -16.10 22.80
C3 VGZ K . -9.12 -16.56 22.10
C2 VGZ K . -9.47 -15.96 20.89
C1 VGZ K . -11.40 -17.35 20.56
C6 VGZ K . -7.62 -14.44 21.11
C8 VGZ K . -8.43 -13.72 18.21
C10 VGZ K . -8.64 -14.41 15.82
C11 VGZ K . -9.25 -14.36 14.58
C12 VGZ K . -10.34 -13.52 14.38
C13 VGZ K . -11.18 -12.40 12.33
C14 VGZ K . -12.37 -12.52 11.43
O1 VGZ K . -10.53 -16.32 20.10
C7 VGZ K . -8.72 -14.89 20.39
N1 VGZ K . -9.15 -14.34 19.17
O2 VGZ K . -7.32 -13.24 18.40
C9 VGZ K . -9.09 -13.62 16.87
N2 VGZ K . -10.95 -13.48 13.10
O3 VGZ K . -10.47 -11.41 12.34
C15 VGZ K . -10.80 -12.73 15.43
C16 VGZ K . -10.19 -12.79 16.67
ZN ZN L . -30.23 -7.29 22.55
S SO4 M . -20.53 -3.21 3.06
O1 SO4 M . -19.59 -3.19 4.15
O2 SO4 M . -19.96 -3.94 1.96
O3 SO4 M . -20.78 -1.84 2.66
O4 SO4 M . -21.76 -3.83 3.47
S SO4 N . 5.08 4.03 20.99
O1 SO4 N . 6.22 3.24 21.38
O2 SO4 N . 5.54 5.29 20.45
O3 SO4 N . 4.33 3.32 20.00
O4 SO4 N . 4.24 4.28 22.14
S SO4 O . -33.44 7.22 21.00
O1 SO4 O . -33.41 5.78 21.08
O2 SO4 O . -32.09 7.74 21.09
O3 SO4 O . -34.02 7.62 19.75
O4 SO4 O . -34.23 7.75 22.09
S SO4 P . -30.03 10.33 13.94
O1 SO4 P . -29.20 9.42 14.71
O2 SO4 P . -29.25 11.47 13.57
O3 SO4 P . -30.51 9.66 12.76
O4 SO4 P . -31.15 10.73 14.75
#